data_5AL4
#
_entry.id   5AL4
#
_cell.length_a   91.220
_cell.length_b   97.780
_cell.length_c   118.490
_cell.angle_alpha   90.00
_cell.angle_beta   90.00
_cell.angle_gamma   90.00
#
_symmetry.space_group_name_H-M   'C 2 2 21'
#
loop_
_entity.id
_entity.type
_entity.pdbx_description
1 polymer 'TANKYRASE 2'
2 non-polymer 'ZINC ION'
3 non-polymer 'SULFATE ION'
4 non-polymer 2-(4-METHYLPIPERAZIN-1-YL)-3,4,5,6,7,8-HEXAHYDROQUINAZOLIN-4-ONE
5 non-polymer GLYCEROL
6 water water
#
_entity_poly.entity_id   1
_entity_poly.type   'polypeptide(L)'
_entity_poly.pdbx_seq_one_letter_code
;MHHHHHHSSGVDLGTENLYFQSMLNTSGSGTILIDLSPDDKEFQSVEEEMQSTVREHRDGGHAGGIFNRYNILKIQKVCN
KKLWERYTHRRKEVSEENHNHANERMLFHGSPFVNAIIHKGFDERHAYIGGMFGAGIYFAENSSKSNQYVYGIGGGTGCP
VHKDRSCYICHRQLLFCRVTLGKSFLQFSAMKMAHSPPGHHSVTGRPSVNGLALAEYVIYRGEQAYPEYLITYQIMRPEG
;
_entity_poly.pdbx_strand_id   A,B
#
loop_
_chem_comp.id
_chem_comp.type
_chem_comp.name
_chem_comp.formula
GOL non-polymer GLYCEROL 'C3 H8 O3'
SO4 non-polymer 'SULFATE ION' 'O4 S -2'
WLH non-polymer 2-(4-METHYLPIPERAZIN-1-YL)-3,4,5,6,7,8-HEXAHYDROQUINAZOLIN-4-ONE 'C13 H20 N4 O'
ZN non-polymer 'ZINC ION' 'Zn 2'
#
# COMPACT_ATOMS: atom_id res chain seq x y z
N GLY A 30 -18.49 -30.82 11.55
CA GLY A 30 -19.85 -30.80 10.97
C GLY A 30 -19.87 -30.21 9.56
N THR A 31 -18.72 -29.96 8.94
CA THR A 31 -18.75 -29.38 7.61
C THR A 31 -18.90 -30.44 6.56
N ILE A 32 -19.81 -30.19 5.61
CA ILE A 32 -19.93 -30.96 4.41
C ILE A 32 -19.76 -30.04 3.21
N LEU A 33 -19.10 -30.54 2.18
CA LEU A 33 -18.87 -29.83 0.94
C LEU A 33 -19.70 -30.50 -0.17
N ILE A 34 -20.60 -29.75 -0.76
CA ILE A 34 -21.43 -30.23 -1.86
C ILE A 34 -20.96 -29.65 -3.19
N ASP A 35 -20.61 -30.51 -4.13
CA ASP A 35 -20.18 -30.10 -5.47
C ASP A 35 -21.30 -29.57 -6.28
N LEU A 36 -21.08 -28.44 -6.90
CA LEU A 36 -22.08 -27.90 -7.80
C LEU A 36 -21.74 -28.35 -9.20
N SER A 37 -22.77 -28.67 -9.97
CA SER A 37 -22.61 -28.92 -11.39
C SER A 37 -22.29 -27.64 -12.14
N PRO A 38 -21.42 -27.71 -13.15
CA PRO A 38 -21.24 -26.57 -14.03
C PRO A 38 -22.51 -26.07 -14.73
N ASP A 39 -23.54 -26.92 -14.85
CA ASP A 39 -24.84 -26.58 -15.38
C ASP A 39 -25.73 -25.83 -14.40
N ASP A 40 -25.40 -25.86 -13.12
CA ASP A 40 -26.20 -25.23 -12.08
C ASP A 40 -26.01 -23.71 -12.20
N LYS A 41 -27.11 -22.98 -12.14
CA LYS A 41 -27.06 -21.52 -12.21
C LYS A 41 -26.18 -20.90 -11.10
N GLU A 42 -26.14 -21.56 -9.95
CA GLU A 42 -25.36 -21.13 -8.83
C GLU A 42 -23.87 -21.25 -9.15
N PHE A 43 -23.48 -22.35 -9.81
CA PHE A 43 -22.07 -22.52 -10.24
C PHE A 43 -21.75 -21.36 -11.17
N GLN A 44 -22.64 -21.13 -12.12
CA GLN A 44 -22.40 -20.13 -13.15
C GLN A 44 -22.30 -18.72 -12.59
N SER A 45 -23.13 -18.37 -11.61
CA SER A 45 -23.10 -17.02 -11.08
C SER A 45 -21.83 -16.80 -10.24
N VAL A 46 -21.40 -17.80 -9.48
CA VAL A 46 -20.15 -17.70 -8.70
C VAL A 46 -18.92 -17.63 -9.62
N GLU A 47 -18.87 -18.48 -10.66
CA GLU A 47 -17.81 -18.41 -11.67
C GLU A 47 -17.72 -17.02 -12.29
N GLU A 48 -18.85 -16.46 -12.67
CA GLU A 48 -18.87 -15.14 -13.28
C GLU A 48 -18.30 -14.06 -12.35
N GLU A 49 -18.63 -14.11 -11.05
CA GLU A 49 -18.08 -13.17 -10.12
C GLU A 49 -16.57 -13.32 -10.00
N MET A 50 -16.12 -14.57 -9.94
CA MET A 50 -14.68 -14.83 -9.97
C MET A 50 -13.95 -14.24 -11.21
N GLN A 51 -14.45 -14.52 -12.41
CA GLN A 51 -13.75 -14.17 -13.65
C GLN A 51 -13.85 -12.66 -13.90
N SER A 52 -15.01 -12.08 -13.58
CA SER A 52 -15.30 -10.71 -13.96
C SER A 52 -14.63 -9.71 -13.02
N THR A 53 -14.09 -10.15 -11.88
CA THR A 53 -13.41 -9.25 -10.93
C THR A 53 -11.89 -9.41 -10.93
N VAL A 54 -11.32 -10.08 -11.93
CA VAL A 54 -9.87 -10.08 -12.14
C VAL A 54 -9.45 -8.68 -12.62
N ARG A 55 -8.41 -8.15 -12.03
CA ARG A 55 -7.75 -6.93 -12.54
C ARG A 55 -6.25 -7.10 -12.54
N GLU A 56 -5.56 -6.17 -13.19
CA GLU A 56 -4.12 -6.02 -13.09
C GLU A 56 -3.73 -5.43 -11.72
N HIS A 57 -2.61 -5.89 -11.23
CA HIS A 57 -2.10 -5.47 -9.91
C HIS A 57 -0.84 -4.67 -10.08
N ARG A 58 -0.65 -3.76 -9.13
CA ARG A 58 0.49 -2.83 -9.15
C ARG A 58 1.84 -3.51 -9.07
N ASP A 59 1.87 -4.75 -8.56
CA ASP A 59 3.09 -5.51 -8.54
C ASP A 59 3.47 -6.24 -9.84
N GLY A 60 2.72 -6.01 -10.92
CA GLY A 60 2.92 -6.69 -12.20
C GLY A 60 2.76 -8.20 -12.13
N GLY A 61 2.12 -8.71 -11.09
CA GLY A 61 1.94 -10.17 -10.93
C GLY A 61 2.87 -10.87 -9.95
N HIS A 62 3.71 -10.12 -9.26
CA HIS A 62 4.70 -10.69 -8.39
C HIS A 62 4.11 -11.61 -7.32
N ALA A 63 3.06 -11.14 -6.65
CA ALA A 63 2.51 -11.89 -5.56
C ALA A 63 1.64 -13.02 -6.03
N GLY A 64 0.77 -12.75 -6.99
CA GLY A 64 -0.32 -13.65 -7.36
C GLY A 64 -0.17 -14.35 -8.70
N GLY A 65 0.80 -13.93 -9.49
CA GLY A 65 0.97 -14.46 -10.82
C GLY A 65 0.46 -13.57 -11.92
N ILE A 66 0.86 -13.88 -13.14
CA ILE A 66 0.40 -13.19 -14.34
C ILE A 66 -0.74 -13.93 -15.01
N PHE A 67 -1.91 -13.32 -15.07
CA PHE A 67 -3.09 -13.96 -15.68
C PHE A 67 -4.19 -12.92 -15.88
N ASN A 68 -5.09 -13.20 -16.80
CA ASN A 68 -6.29 -12.41 -17.04
C ASN A 68 -7.58 -13.13 -16.69
N ARG A 69 -7.48 -14.45 -16.53
CA ARG A 69 -8.63 -15.26 -16.23
C ARG A 69 -8.18 -16.57 -15.55
N TYR A 70 -9.15 -17.27 -14.99
CA TYR A 70 -8.93 -18.56 -14.35
C TYR A 70 -9.53 -19.72 -15.13
N ASN A 71 -8.99 -20.91 -14.85
CA ASN A 71 -9.66 -22.17 -15.19
C ASN A 71 -10.35 -22.66 -13.93
N ILE A 72 -11.67 -22.58 -13.87
CA ILE A 72 -12.35 -23.02 -12.68
C ILE A 72 -12.53 -24.53 -12.76
N LEU A 73 -12.03 -25.22 -11.77
CA LEU A 73 -12.03 -26.68 -11.75
C LEU A 73 -13.19 -27.24 -10.94
N LYS A 74 -13.52 -26.59 -9.84
CA LYS A 74 -14.57 -27.05 -8.95
C LYS A 74 -15.11 -25.88 -8.13
N ILE A 75 -16.42 -25.93 -7.86
CA ILE A 75 -17.05 -25.01 -6.92
C ILE A 75 -17.90 -25.88 -5.99
N GLN A 76 -17.61 -25.81 -4.70
CA GLN A 76 -18.36 -26.49 -3.68
C GLN A 76 -19.04 -25.54 -2.70
N LYS A 77 -20.27 -25.87 -2.39
CA LYS A 77 -21.03 -25.22 -1.33
C LYS A 77 -20.60 -25.75 0.02
N VAL A 78 -20.31 -24.83 0.95
CA VAL A 78 -19.81 -25.17 2.27
C VAL A 78 -21.02 -25.15 3.19
N CYS A 79 -21.28 -26.28 3.82
CA CYS A 79 -22.49 -26.45 4.64
CA CYS A 79 -22.49 -26.44 4.62
C CYS A 79 -22.10 -26.84 6.03
N ASN A 80 -22.29 -25.93 6.98
CA ASN A 80 -22.08 -26.19 8.40
C ASN A 80 -23.12 -25.46 9.24
N LYS A 81 -24.00 -26.22 9.85
CA LYS A 81 -25.11 -25.65 10.59
C LYS A 81 -24.69 -24.77 11.77
N LYS A 82 -23.76 -25.23 12.58
CA LYS A 82 -23.31 -24.45 13.70
C LYS A 82 -22.60 -23.14 13.27
N LEU A 83 -21.76 -23.20 12.23
CA LEU A 83 -21.09 -22.02 11.76
C LEU A 83 -22.11 -21.04 11.13
N TRP A 84 -23.13 -21.56 10.45
CA TRP A 84 -24.17 -20.73 9.81
C TRP A 84 -24.97 -20.02 10.89
N GLU A 85 -25.31 -20.74 11.94
CA GLU A 85 -26.09 -20.14 13.04
C GLU A 85 -25.29 -19.11 13.82
N ARG A 86 -23.99 -19.36 14.01
CA ARG A 86 -23.08 -18.34 14.56
C ARG A 86 -23.08 -17.05 13.71
N TYR A 87 -22.97 -17.22 12.40
CA TYR A 87 -23.05 -16.08 11.50
C TYR A 87 -24.39 -15.32 11.61
N THR A 88 -25.49 -16.04 11.49
CA THR A 88 -26.83 -15.38 11.49
C THR A 88 -27.17 -14.70 12.83
N HIS A 89 -26.70 -15.29 13.92
CA HIS A 89 -26.84 -14.69 15.22
C HIS A 89 -26.16 -13.33 15.27
N ARG A 90 -24.93 -13.26 14.77
CA ARG A 90 -24.15 -12.03 14.81
C ARG A 90 -24.76 -11.04 13.77
N ARG A 91 -25.28 -11.55 12.66
CA ARG A 91 -25.85 -10.70 11.63
C ARG A 91 -27.08 -9.93 12.19
N LYS A 92 -27.90 -10.62 12.96
CA LYS A 92 -29.06 -10.03 13.59
C LYS A 92 -28.64 -8.98 14.62
N GLU A 93 -27.63 -9.25 15.42
CA GLU A 93 -27.10 -8.21 16.33
C GLU A 93 -26.66 -6.93 15.59
N VAL A 94 -25.88 -7.12 14.52
CA VAL A 94 -25.42 -5.98 13.75
C VAL A 94 -26.60 -5.23 13.13
N SER A 95 -27.52 -5.98 12.53
CA SER A 95 -28.66 -5.41 11.89
C SER A 95 -29.49 -4.54 12.86
N GLU A 96 -29.70 -5.04 14.08
CA GLU A 96 -30.48 -4.27 15.06
C GLU A 96 -29.76 -3.01 15.56
N GLU A 97 -28.42 -2.98 15.48
CA GLU A 97 -27.63 -1.79 15.75
C GLU A 97 -27.50 -0.85 14.52
N ASN A 98 -28.15 -1.16 13.39
CA ASN A 98 -27.91 -0.38 12.15
C ASN A 98 -29.20 -0.31 11.37
N HIS A 99 -30.27 0.12 12.05
CA HIS A 99 -31.60 0.33 11.42
C HIS A 99 -32.02 -0.84 10.55
N ASN A 100 -31.85 -2.03 11.10
CA ASN A 100 -32.25 -3.29 10.46
C ASN A 100 -31.56 -3.55 9.11
N HIS A 101 -30.30 -3.20 9.03
CA HIS A 101 -29.51 -3.34 7.80
C HIS A 101 -28.18 -3.96 8.14
N ALA A 102 -28.03 -5.25 7.79
CA ALA A 102 -26.76 -5.99 8.00
C ALA A 102 -25.64 -5.55 7.06
N ASN A 103 -26.01 -4.97 5.92
CA ASN A 103 -25.06 -4.55 4.90
C ASN A 103 -24.19 -5.73 4.56
N GLU A 104 -24.87 -6.79 4.12
CA GLU A 104 -24.27 -8.05 3.80
C GLU A 104 -23.76 -8.03 2.35
N ARG A 105 -22.53 -8.46 2.17
CA ARG A 105 -21.89 -8.56 0.85
C ARG A 105 -21.37 -9.98 0.62
N MET A 106 -21.07 -10.30 -0.64
CA MET A 106 -20.34 -11.51 -0.98
C MET A 106 -18.96 -11.09 -1.49
N LEU A 107 -17.94 -11.59 -0.81
CA LEU A 107 -16.57 -11.15 -1.01
C LEU A 107 -15.60 -12.33 -1.01
N PHE A 108 -14.46 -12.16 -1.64
CA PHE A 108 -13.46 -13.18 -1.72
C PHE A 108 -12.52 -13.14 -0.55
N HIS A 109 -12.03 -14.33 -0.19
CA HIS A 109 -10.98 -14.48 0.79
C HIS A 109 -9.99 -15.56 0.34
N GLY A 110 -8.73 -15.18 0.26
CA GLY A 110 -7.60 -16.08 -0.05
C GLY A 110 -6.74 -16.28 1.17
N SER A 111 -6.41 -17.54 1.45
CA SER A 111 -5.62 -17.86 2.62
C SER A 111 -4.99 -19.25 2.55
N PRO A 112 -3.77 -19.37 3.06
CA PRO A 112 -3.25 -20.74 3.28
C PRO A 112 -4.07 -21.57 4.27
N PHE A 113 -4.93 -20.93 5.07
CA PHE A 113 -5.71 -21.62 6.11
C PHE A 113 -7.15 -21.97 5.69
N VAL A 114 -7.38 -22.03 4.39
CA VAL A 114 -8.73 -22.27 3.88
C VAL A 114 -9.34 -23.58 4.44
N ASN A 115 -8.53 -24.62 4.58
CA ASN A 115 -9.03 -25.86 5.20
C ASN A 115 -9.48 -25.68 6.64
N ALA A 116 -8.76 -24.92 7.47
CA ALA A 116 -9.28 -24.64 8.82
C ALA A 116 -10.54 -23.74 8.87
N ILE A 117 -10.62 -22.78 7.95
CA ILE A 117 -11.76 -21.89 7.91
C ILE A 117 -13.03 -22.65 7.63
N ILE A 118 -13.00 -23.53 6.67
CA ILE A 118 -14.23 -24.19 6.28
C ILE A 118 -14.70 -25.19 7.34
N HIS A 119 -13.78 -25.70 8.15
CA HIS A 119 -14.10 -26.63 9.24
C HIS A 119 -14.45 -26.00 10.56
N LYS A 120 -13.74 -24.92 10.94
CA LYS A 120 -13.92 -24.31 12.25
C LYS A 120 -14.39 -22.83 12.25
N GLY A 121 -14.55 -22.26 11.06
CA GLY A 121 -14.97 -20.87 10.92
C GLY A 121 -13.82 -19.89 10.93
N PHE A 122 -14.11 -18.64 10.62
CA PHE A 122 -13.11 -17.58 10.82
C PHE A 122 -12.91 -17.29 12.30
N ASP A 123 -11.69 -17.00 12.72
CA ASP A 123 -11.44 -16.54 14.09
C ASP A 123 -10.14 -15.73 14.16
N GLU A 124 -9.75 -15.29 15.36
CA GLU A 124 -8.56 -14.40 15.47
C GLU A 124 -7.21 -14.96 15.00
N ARG A 125 -7.14 -16.26 14.69
CA ARG A 125 -5.98 -16.84 14.03
C ARG A 125 -5.94 -16.57 12.54
N HIS A 126 -7.04 -16.08 11.97
CA HIS A 126 -7.08 -15.80 10.53
C HIS A 126 -6.90 -14.30 10.21
N ALA A 127 -6.38 -13.57 11.21
CA ALA A 127 -6.30 -12.11 11.19
C ALA A 127 -4.98 -11.64 10.63
N TYR A 128 -5.04 -10.70 9.69
CA TYR A 128 -3.86 -10.15 9.10
C TYR A 128 -3.31 -9.07 10.05
N ILE A 129 -2.36 -9.46 10.90
CA ILE A 129 -1.83 -8.55 11.93
C ILE A 129 -1.23 -7.30 11.28
N GLY A 130 -0.59 -7.48 10.14
CA GLY A 130 0.05 -6.39 9.46
C GLY A 130 -0.78 -5.70 8.41
N GLY A 131 -2.10 -5.95 8.37
CA GLY A 131 -2.94 -5.29 7.37
C GLY A 131 -2.98 -3.78 7.57
N MET A 132 -3.27 -3.04 6.51
CA MET A 132 -3.19 -1.56 6.59
C MET A 132 -4.32 -0.94 7.38
N PHE A 133 -5.32 -1.74 7.72
CA PHE A 133 -6.42 -1.29 8.57
C PHE A 133 -6.46 -2.02 9.88
N GLY A 134 -5.32 -2.56 10.30
CA GLY A 134 -5.23 -3.20 11.61
C GLY A 134 -5.48 -4.71 11.54
N ALA A 135 -5.33 -5.35 12.68
CA ALA A 135 -5.38 -6.80 12.77
C ALA A 135 -6.85 -7.22 12.70
N GLY A 136 -7.29 -7.55 11.51
CA GLY A 136 -8.63 -8.09 11.33
C GLY A 136 -8.61 -9.13 10.23
N ILE A 137 -9.81 -9.51 9.79
CA ILE A 137 -9.94 -10.48 8.74
C ILE A 137 -10.36 -9.74 7.48
N TYR A 138 -9.58 -9.89 6.42
CA TYR A 138 -9.70 -9.06 5.22
C TYR A 138 -10.37 -9.83 4.10
N PHE A 139 -11.16 -9.11 3.33
CA PHE A 139 -11.89 -9.62 2.17
C PHE A 139 -11.75 -8.65 0.98
N ALA A 140 -11.89 -9.18 -0.22
CA ALA A 140 -11.78 -8.34 -1.43
C ALA A 140 -12.92 -8.50 -2.39
N GLU A 141 -13.33 -7.40 -3.00
CA GLU A 141 -14.20 -7.47 -4.19
C GLU A 141 -13.52 -8.06 -5.42
N ASN A 142 -12.25 -7.76 -5.62
CA ASN A 142 -11.50 -8.35 -6.71
C ASN A 142 -10.98 -9.76 -6.33
N SER A 143 -11.45 -10.79 -7.02
CA SER A 143 -10.92 -12.12 -6.78
C SER A 143 -9.38 -12.20 -6.95
N SER A 144 -8.84 -11.46 -7.92
CA SER A 144 -7.39 -11.40 -8.14
C SER A 144 -6.62 -10.80 -6.96
N LYS A 145 -7.28 -9.92 -6.16
CA LYS A 145 -6.64 -9.40 -4.93
C LYS A 145 -6.48 -10.55 -3.90
N SER A 146 -7.55 -11.28 -3.64
CA SER A 146 -7.53 -12.47 -2.74
C SER A 146 -6.56 -13.56 -3.25
N ASN A 147 -6.43 -13.67 -4.55
CA ASN A 147 -5.51 -14.62 -5.15
C ASN A 147 -4.04 -14.42 -4.71
N GLN A 148 -3.65 -13.17 -4.40
CA GLN A 148 -2.33 -12.85 -3.96
C GLN A 148 -2.00 -13.44 -2.59
N TYR A 149 -2.99 -13.92 -1.84
CA TYR A 149 -2.79 -14.37 -0.49
C TYR A 149 -2.97 -15.87 -0.32
N VAL A 150 -3.27 -16.56 -1.40
CA VAL A 150 -3.54 -18.04 -1.33
C VAL A 150 -2.32 -18.80 -0.79
N TYR A 151 -1.13 -18.36 -1.19
CA TYR A 151 0.12 -18.98 -0.77
C TYR A 151 0.82 -18.18 0.31
N GLY A 152 0.14 -17.20 0.87
CA GLY A 152 0.63 -16.45 2.00
C GLY A 152 0.68 -14.98 1.68
N ILE A 153 1.08 -14.18 2.66
CA ILE A 153 1.20 -12.73 2.50
C ILE A 153 2.19 -12.48 1.40
N GLY A 154 1.85 -11.60 0.46
CA GLY A 154 2.70 -11.34 -0.70
C GLY A 154 2.93 -12.55 -1.58
N GLY A 155 2.06 -13.55 -1.47
CA GLY A 155 2.23 -14.78 -2.20
C GLY A 155 3.23 -15.78 -1.63
N GLY A 156 3.80 -15.48 -0.47
CA GLY A 156 4.80 -16.31 0.21
C GLY A 156 5.91 -16.72 -0.74
N THR A 157 6.20 -18.01 -0.75
CA THR A 157 7.19 -18.58 -1.68
C THR A 157 6.54 -19.29 -2.85
N GLY A 158 5.26 -19.00 -3.09
CA GLY A 158 4.56 -19.58 -4.20
C GLY A 158 4.04 -20.96 -3.88
N CYS A 159 3.70 -21.69 -4.91
CA CYS A 159 3.11 -23.02 -4.72
C CYS A 159 4.06 -23.92 -3.90
N PRO A 160 3.48 -24.84 -3.12
CA PRO A 160 4.38 -25.75 -2.36
C PRO A 160 5.25 -26.68 -3.23
N VAL A 161 4.79 -27.02 -4.41
CA VAL A 161 5.47 -28.01 -5.22
C VAL A 161 6.60 -27.41 -6.02
N HIS A 162 6.35 -26.29 -6.69
CA HIS A 162 7.34 -25.65 -7.58
C HIS A 162 7.93 -24.33 -7.05
N LYS A 163 7.45 -23.86 -5.90
CA LYS A 163 7.87 -22.56 -5.35
C LYS A 163 7.68 -21.42 -6.35
N ASP A 164 6.54 -21.42 -7.04
CA ASP A 164 6.29 -20.48 -8.11
C ASP A 164 5.00 -19.70 -7.77
N ARG A 165 5.11 -18.39 -7.53
CA ARG A 165 3.91 -17.58 -7.22
C ARG A 165 3.00 -17.43 -8.43
N SER A 166 3.54 -17.63 -9.62
CA SER A 166 2.81 -17.64 -10.85
C SER A 166 2.58 -19.04 -11.40
N CYS A 167 2.55 -20.05 -10.55
CA CYS A 167 2.35 -21.42 -11.05
C CYS A 167 1.05 -21.57 -11.82
N TYR A 168 1.13 -22.10 -13.04
CA TYR A 168 -0.07 -22.39 -13.82
C TYR A 168 -0.55 -23.85 -13.72
N ILE A 169 0.16 -24.67 -12.97
CA ILE A 169 -0.18 -26.10 -12.86
C ILE A 169 -0.95 -26.42 -11.58
N CYS A 170 -0.45 -25.94 -10.47
CA CYS A 170 -0.95 -26.27 -9.15
C CYS A 170 -2.33 -25.65 -8.92
N HIS A 171 -3.18 -26.44 -8.29
CA HIS A 171 -4.57 -26.05 -7.95
C HIS A 171 -4.58 -25.11 -6.74
N ARG A 172 -5.30 -24.01 -6.89
CA ARG A 172 -5.44 -23.00 -5.89
C ARG A 172 -6.88 -23.03 -5.41
N GLN A 173 -7.10 -22.59 -4.17
CA GLN A 173 -8.45 -22.42 -3.62
C GLN A 173 -8.69 -20.99 -3.08
N LEU A 174 -9.89 -20.46 -3.32
CA LEU A 174 -10.39 -19.22 -2.76
C LEU A 174 -11.72 -19.52 -2.09
N LEU A 175 -12.03 -18.77 -1.07
CA LEU A 175 -13.39 -18.70 -0.54
C LEU A 175 -14.18 -17.52 -1.05
N PHE A 176 -15.45 -17.77 -1.35
CA PHE A 176 -16.41 -16.69 -1.69
C PHE A 176 -17.39 -16.67 -0.52
N CYS A 177 -17.38 -15.58 0.21
CA CYS A 177 -17.92 -15.53 1.55
C CYS A 177 -19.05 -14.52 1.70
N ARG A 178 -19.92 -14.81 2.64
CA ARG A 178 -21.02 -13.92 3.02
C ARG A 178 -20.50 -13.15 4.22
N VAL A 179 -20.44 -11.82 4.07
CA VAL A 179 -19.79 -10.95 5.06
C VAL A 179 -20.73 -9.85 5.53
N THR A 180 -20.91 -9.72 6.84
CA THR A 180 -21.73 -8.69 7.40
C THR A 180 -20.88 -7.47 7.66
N LEU A 181 -21.17 -6.36 7.00
CA LEU A 181 -20.36 -5.16 7.22
C LEU A 181 -20.93 -4.17 8.22
N GLY A 182 -22.24 -4.17 8.34
CA GLY A 182 -22.96 -3.24 9.20
C GLY A 182 -22.58 -1.81 8.84
N LYS A 183 -22.38 -0.99 9.87
CA LYS A 183 -21.87 0.35 9.67
C LYS A 183 -20.39 0.31 9.46
N SER A 184 -19.95 0.57 8.23
CA SER A 184 -18.54 0.43 7.86
C SER A 184 -17.85 1.79 7.92
N PHE A 185 -16.72 1.83 8.57
CA PHE A 185 -15.82 2.99 8.59
C PHE A 185 -15.07 3.14 7.24
N LEU A 186 -15.26 4.29 6.59
CA LEU A 186 -14.70 4.53 5.25
C LEU A 186 -13.31 5.09 5.34
N GLN A 187 -12.33 4.35 4.83
CA GLN A 187 -10.96 4.81 4.77
C GLN A 187 -10.58 5.02 3.31
N PHE A 188 -10.18 6.24 2.95
CA PHE A 188 -9.76 6.55 1.60
C PHE A 188 -8.28 6.20 1.58
N SER A 189 -7.80 5.47 0.60
CA SER A 189 -6.38 5.07 0.71
C SER A 189 -5.87 4.65 -0.60
N ALA A 190 -4.55 4.73 -0.75
CA ALA A 190 -3.87 4.26 -1.95
C ALA A 190 -3.77 2.74 -1.89
N MET A 193 -6.58 -9.85 17.65
CA MET A 193 -7.45 -9.07 16.76
C MET A 193 -7.76 -7.68 17.33
N ALA A 194 -7.69 -6.65 16.49
CA ALA A 194 -8.03 -5.29 16.89
C ALA A 194 -9.56 -5.16 17.06
N HIS A 195 -10.01 -3.96 17.41
CA HIS A 195 -11.44 -3.69 17.43
C HIS A 195 -11.80 -2.81 16.26
N SER A 196 -13.08 -2.87 15.88
CA SER A 196 -13.64 -1.94 14.93
C SER A 196 -13.55 -0.56 15.52
N PRO A 197 -13.45 0.46 14.65
CA PRO A 197 -13.58 1.82 15.16
C PRO A 197 -14.87 1.99 15.94
N PRO A 198 -14.83 2.76 17.04
CA PRO A 198 -16.05 2.95 17.83
C PRO A 198 -17.25 3.37 16.98
N GLY A 199 -18.40 2.77 17.23
CA GLY A 199 -19.61 3.04 16.47
C GLY A 199 -19.70 2.34 15.10
N HIS A 200 -18.72 1.49 14.76
CA HIS A 200 -18.70 0.83 13.46
C HIS A 200 -18.54 -0.69 13.61
N HIS A 201 -18.90 -1.43 12.57
CA HIS A 201 -18.84 -2.89 12.61
C HIS A 201 -17.75 -3.49 11.68
N SER A 202 -17.12 -2.61 10.90
CA SER A 202 -16.15 -2.97 9.87
C SER A 202 -15.44 -1.75 9.35
N VAL A 203 -14.46 -1.99 8.49
CA VAL A 203 -13.73 -0.94 7.84
C VAL A 203 -13.73 -1.25 6.34
N THR A 204 -13.96 -0.22 5.53
CA THR A 204 -13.88 -0.28 4.08
C THR A 204 -12.65 0.47 3.61
N GLY A 205 -11.80 -0.19 2.84
CA GLY A 205 -10.62 0.43 2.26
C GLY A 205 -11.02 0.84 0.88
N ARG A 206 -11.25 2.14 0.68
CA ARG A 206 -11.65 2.64 -0.65
CA ARG A 206 -11.65 2.65 -0.63
C ARG A 206 -10.41 3.01 -1.47
N PRO A 207 -10.26 2.44 -2.65
CA PRO A 207 -9.09 2.91 -3.45
C PRO A 207 -9.12 4.40 -3.78
N SER A 208 -8.03 5.14 -3.52
CA SER A 208 -7.93 6.59 -3.87
C SER A 208 -6.88 6.92 -4.97
N VAL A 209 -6.29 5.91 -5.61
CA VAL A 209 -5.25 6.13 -6.62
C VAL A 209 -5.50 5.32 -7.88
N ASN A 210 -5.57 3.99 -7.72
CA ASN A 210 -5.82 3.07 -8.85
C ASN A 210 -7.31 3.05 -9.12
N GLY A 211 -7.65 3.78 -10.18
CA GLY A 211 -9.03 3.85 -10.64
C GLY A 211 -9.67 2.55 -10.98
N LEU A 212 -8.90 1.47 -11.19
CA LEU A 212 -9.55 0.22 -11.58
C LEU A 212 -9.79 -0.72 -10.38
N ALA A 213 -9.24 -0.39 -9.23
CA ALA A 213 -9.28 -1.33 -8.08
C ALA A 213 -10.63 -1.25 -7.42
N LEU A 214 -11.16 -2.39 -7.00
CA LEU A 214 -12.37 -2.45 -6.19
C LEU A 214 -11.99 -2.40 -4.71
N ALA A 215 -13.00 -2.21 -3.86
CA ALA A 215 -12.82 -2.09 -2.46
C ALA A 215 -12.33 -3.40 -1.79
N GLU A 216 -11.70 -3.19 -0.65
CA GLU A 216 -11.33 -4.21 0.30
C GLU A 216 -11.96 -3.87 1.67
N TYR A 217 -12.18 -4.89 2.48
CA TYR A 217 -13.01 -4.77 3.68
C TYR A 217 -12.35 -5.54 4.82
N VAL A 218 -12.54 -5.07 6.06
CA VAL A 218 -12.03 -5.75 7.22
C VAL A 218 -13.10 -5.87 8.25
N ILE A 219 -13.22 -7.07 8.83
CA ILE A 219 -14.06 -7.29 10.00
C ILE A 219 -13.15 -7.74 11.14
N TYR A 220 -13.66 -7.54 12.34
CA TYR A 220 -12.87 -7.78 13.52
C TYR A 220 -13.49 -8.85 14.41
N ARG A 221 -14.50 -9.56 13.89
CA ARG A 221 -15.10 -10.67 14.59
CA ARG A 221 -15.14 -10.65 14.60
C ARG A 221 -15.30 -11.76 13.56
N GLY A 222 -14.81 -12.95 13.87
CA GLY A 222 -14.97 -14.10 12.95
C GLY A 222 -16.39 -14.45 12.57
N GLU A 223 -17.33 -14.16 13.48
CA GLU A 223 -18.73 -14.48 13.35
C GLU A 223 -19.45 -13.62 12.34
N GLN A 224 -18.78 -12.57 11.84
CA GLN A 224 -19.31 -11.71 10.79
C GLN A 224 -19.00 -12.15 9.36
N ALA A 225 -18.49 -13.38 9.17
CA ALA A 225 -18.36 -13.93 7.86
C ALA A 225 -18.67 -15.44 7.93
N TYR A 226 -19.25 -15.91 6.85
CA TYR A 226 -19.52 -17.35 6.61
C TYR A 226 -18.89 -17.76 5.25
N PRO A 227 -18.02 -18.77 5.26
CA PRO A 227 -17.40 -19.22 4.02
C PRO A 227 -18.33 -20.06 3.17
N GLU A 228 -19.02 -19.45 2.23
CA GLU A 228 -20.12 -20.10 1.55
C GLU A 228 -19.72 -21.00 0.39
N TYR A 229 -18.75 -20.58 -0.38
CA TYR A 229 -18.28 -21.36 -1.52
C TYR A 229 -16.79 -21.52 -1.48
N LEU A 230 -16.37 -22.76 -1.77
CA LEU A 230 -14.97 -23.09 -1.93
C LEU A 230 -14.72 -23.28 -3.42
N ILE A 231 -13.84 -22.46 -3.95
CA ILE A 231 -13.57 -22.47 -5.38
C ILE A 231 -12.18 -22.99 -5.62
N THR A 232 -12.06 -24.05 -6.43
CA THR A 232 -10.79 -24.61 -6.82
C THR A 232 -10.45 -24.24 -8.26
N TYR A 233 -9.24 -23.73 -8.50
CA TYR A 233 -8.93 -23.16 -9.81
C TYR A 233 -7.46 -23.19 -10.09
N GLN A 234 -7.13 -22.94 -11.33
CA GLN A 234 -5.80 -22.52 -11.75
C GLN A 234 -5.86 -21.11 -12.37
N ILE A 235 -4.78 -20.34 -12.23
CA ILE A 235 -4.65 -19.14 -13.02
C ILE A 235 -4.21 -19.57 -14.42
N MET A 236 -4.64 -18.84 -15.44
CA MET A 236 -4.31 -19.21 -16.83
C MET A 236 -3.25 -18.31 -17.45
N ARG A 237 -2.29 -18.92 -18.16
CA ARG A 237 -1.19 -18.15 -18.78
C ARG A 237 -1.79 -17.35 -19.93
N PRO A 238 -1.62 -16.02 -19.94
CA PRO A 238 -2.17 -15.25 -21.07
C PRO A 238 -1.55 -15.75 -22.38
N GLU A 239 -2.32 -15.74 -23.45
CA GLU A 239 -1.82 -16.21 -24.76
C GLU A 239 -0.90 -15.20 -25.43
N GLY B 30 5.34 1.05 -17.14
CA GLY B 30 6.67 0.43 -16.93
C GLY B 30 6.92 0.19 -15.43
N THR B 31 6.21 0.89 -14.56
CA THR B 31 6.51 0.77 -13.14
C THR B 31 5.77 -0.37 -12.47
N ILE B 32 6.52 -1.17 -11.72
CA ILE B 32 5.93 -2.07 -10.76
C ILE B 32 6.35 -1.71 -9.33
N LEU B 33 5.44 -2.01 -8.40
CA LEU B 33 5.63 -1.79 -6.98
C LEU B 33 5.63 -3.15 -6.28
N ILE B 34 6.71 -3.46 -5.59
CA ILE B 34 6.89 -4.71 -4.88
C ILE B 34 6.80 -4.45 -3.38
N ASP B 35 5.84 -5.09 -2.72
CA ASP B 35 5.66 -4.88 -1.28
C ASP B 35 6.78 -5.49 -0.52
N LEU B 36 7.32 -4.78 0.44
CA LEU B 36 8.32 -5.38 1.32
C LEU B 36 7.68 -5.93 2.55
N SER B 37 8.19 -7.05 3.04
CA SER B 37 7.68 -7.63 4.28
C SER B 37 8.19 -6.83 5.50
N PRO B 38 7.33 -6.59 6.51
CA PRO B 38 7.81 -5.99 7.73
C PRO B 38 8.92 -6.79 8.42
N ASP B 39 9.00 -8.08 8.13
CA ASP B 39 10.06 -8.93 8.72
C ASP B 39 11.40 -8.88 7.97
N ASP B 40 11.43 -8.14 6.87
CA ASP B 40 12.61 -7.95 6.02
C ASP B 40 13.48 -6.82 6.60
N LYS B 41 14.78 -7.04 6.67
CA LYS B 41 15.69 -6.02 7.13
C LYS B 41 15.60 -4.72 6.30
N GLU B 42 15.32 -4.85 5.01
CA GLU B 42 15.18 -3.68 4.14
C GLU B 42 14.02 -2.77 4.59
N PHE B 43 12.86 -3.37 4.86
CA PHE B 43 11.69 -2.63 5.39
C PHE B 43 12.07 -1.94 6.67
N GLN B 44 12.73 -2.71 7.53
CA GLN B 44 13.13 -2.21 8.83
C GLN B 44 14.10 -1.05 8.77
N SER B 45 15.04 -1.11 7.83
CA SER B 45 15.97 -0.04 7.63
C SER B 45 15.28 1.25 7.19
N VAL B 46 14.31 1.11 6.27
CA VAL B 46 13.62 2.29 5.74
C VAL B 46 12.74 2.85 6.85
N GLU B 47 12.04 1.99 7.58
CA GLU B 47 11.23 2.50 8.69
C GLU B 47 12.13 3.29 9.69
N GLU B 48 13.29 2.75 10.03
CA GLU B 48 14.12 3.44 11.04
C GLU B 48 14.61 4.78 10.51
N GLU B 49 14.93 4.88 9.22
CA GLU B 49 15.30 6.15 8.65
C GLU B 49 14.13 7.17 8.73
N MET B 50 12.92 6.71 8.47
CA MET B 50 11.74 7.55 8.69
C MET B 50 11.56 8.04 10.11
N GLN B 51 11.49 7.09 11.03
CA GLN B 51 11.19 7.39 12.44
C GLN B 51 12.32 8.19 13.11
N SER B 52 13.56 7.87 12.80
CA SER B 52 14.69 8.54 13.44
C SER B 52 14.95 9.96 12.95
N THR B 53 14.35 10.38 11.85
CA THR B 53 14.59 11.72 11.37
C THR B 53 13.37 12.62 11.51
N VAL B 54 12.46 12.25 12.41
CA VAL B 54 11.38 13.16 12.77
C VAL B 54 12.02 14.24 13.65
N ARG B 55 11.69 15.50 13.41
CA ARG B 55 12.06 16.58 14.34
C ARG B 55 10.89 17.52 14.58
N GLU B 56 11.06 18.41 15.55
CA GLU B 56 10.14 19.55 15.73
C GLU B 56 10.35 20.59 14.64
N HIS B 57 9.25 21.21 14.23
CA HIS B 57 9.30 22.23 13.22
C HIS B 57 8.88 23.57 13.82
N ARG B 58 9.43 24.63 13.26
CA ARG B 58 9.26 25.97 13.82
C ARG B 58 7.84 26.49 13.67
N ASP B 59 7.05 25.86 12.79
CA ASP B 59 5.63 26.18 12.66
C ASP B 59 4.70 25.51 13.64
N GLY B 60 5.28 24.79 14.60
CA GLY B 60 4.53 24.12 15.64
C GLY B 60 3.65 22.97 15.14
N GLY B 61 3.87 22.49 13.92
CA GLY B 61 2.99 21.49 13.29
C GLY B 61 2.00 22.01 12.27
N HIS B 62 2.00 23.32 12.02
CA HIS B 62 1.03 23.91 11.10
C HIS B 62 0.94 23.22 9.74
N ALA B 63 2.09 23.03 9.09
CA ALA B 63 2.09 22.47 7.76
C ALA B 63 1.91 20.94 7.77
N GLY B 64 2.69 20.23 8.58
CA GLY B 64 2.73 18.76 8.55
C GLY B 64 1.94 18.01 9.58
N GLY B 65 1.43 18.74 10.57
CA GLY B 65 0.76 18.13 11.69
C GLY B 65 1.62 17.96 12.92
N ILE B 66 0.97 17.60 14.02
CA ILE B 66 1.64 17.41 15.29
C ILE B 66 1.85 15.93 15.55
N PHE B 67 3.13 15.55 15.65
CA PHE B 67 3.49 14.15 15.87
C PHE B 67 4.96 14.01 16.21
N ASN B 68 5.29 12.92 16.91
CA ASN B 68 6.66 12.54 17.17
C ASN B 68 7.13 11.31 16.40
N ARG B 69 6.19 10.53 15.87
CA ARG B 69 6.51 9.31 15.14
C ARG B 69 5.36 8.98 14.20
N TYR B 70 5.61 8.00 13.31
CA TYR B 70 4.66 7.54 12.32
C TYR B 70 4.16 6.11 12.64
N ASN B 71 2.98 5.79 12.12
CA ASN B 71 2.57 4.40 11.89
C ASN B 71 2.87 4.00 10.45
N ILE B 72 3.93 3.21 10.21
CA ILE B 72 4.29 2.80 8.84
C ILE B 72 3.34 1.65 8.44
N LEU B 73 2.53 1.88 7.40
CA LEU B 73 1.55 0.93 6.93
C LEU B 73 2.05 0.02 5.80
N LYS B 74 2.92 0.57 4.95
CA LYS B 74 3.44 -0.17 3.82
C LYS B 74 4.71 0.47 3.26
N ILE B 75 5.64 -0.36 2.78
CA ILE B 75 6.82 0.12 2.08
C ILE B 75 6.93 -0.70 0.80
N GLN B 76 6.92 -0.01 -0.33
CA GLN B 76 7.05 -0.66 -1.64
C GLN B 76 8.31 -0.23 -2.37
N LYS B 77 9.02 -1.20 -2.92
CA LYS B 77 10.11 -0.93 -3.87
C LYS B 77 9.53 -0.54 -5.20
N VAL B 78 10.02 0.56 -5.76
CA VAL B 78 9.54 1.09 -7.03
C VAL B 78 10.52 0.60 -8.12
N CYS B 79 10.03 -0.13 -9.12
CA CYS B 79 10.90 -0.74 -10.15
C CYS B 79 10.47 -0.28 -11.52
N ASN B 80 11.37 0.40 -12.20
CA ASN B 80 11.09 0.86 -13.55
C ASN B 80 12.41 0.89 -14.29
N LYS B 81 12.52 -0.01 -15.26
CA LYS B 81 13.79 -0.27 -15.94
C LYS B 81 14.25 0.95 -16.69
N LYS B 82 13.33 1.59 -17.38
CA LYS B 82 13.67 2.77 -18.16
C LYS B 82 14.10 3.96 -17.27
N LEU B 83 13.34 4.22 -16.20
CA LEU B 83 13.69 5.29 -15.29
C LEU B 83 15.01 5.01 -14.61
N TRP B 84 15.30 3.74 -14.32
CA TRP B 84 16.52 3.36 -13.64
C TRP B 84 17.71 3.64 -14.58
N GLU B 85 17.57 3.24 -15.86
CA GLU B 85 18.67 3.45 -16.79
C GLU B 85 18.92 4.94 -17.05
N ARG B 86 17.86 5.73 -17.12
CA ARG B 86 17.95 7.18 -17.24
C ARG B 86 18.74 7.77 -16.04
N TYR B 87 18.38 7.31 -14.83
CA TYR B 87 19.10 7.69 -13.60
C TYR B 87 20.60 7.29 -13.64
N THR B 88 20.90 6.02 -13.95
CA THR B 88 22.29 5.52 -13.93
C THR B 88 23.19 6.09 -15.01
N HIS B 89 22.59 6.50 -16.11
CA HIS B 89 23.33 7.15 -17.16
C HIS B 89 23.69 8.56 -16.70
N ARG B 90 22.74 9.23 -16.06
CA ARG B 90 23.04 10.56 -15.53
C ARG B 90 24.06 10.47 -14.40
N ARG B 91 23.98 9.43 -13.58
CA ARG B 91 24.87 9.27 -12.44
C ARG B 91 26.32 9.09 -12.93
N LYS B 92 26.47 8.30 -13.98
CA LYS B 92 27.80 8.08 -14.58
C LYS B 92 28.38 9.39 -15.14
N GLU B 93 27.57 10.21 -15.81
CA GLU B 93 28.01 11.52 -16.30
C GLU B 93 28.46 12.42 -15.16
N VAL B 94 27.66 12.45 -14.09
CA VAL B 94 27.97 13.29 -12.94
C VAL B 94 29.22 12.77 -12.24
N SER B 95 29.29 11.45 -12.03
CA SER B 95 30.44 10.82 -11.42
C SER B 95 31.75 11.16 -12.16
N GLU B 96 31.72 11.06 -13.49
CA GLU B 96 32.89 11.36 -14.32
C GLU B 96 33.30 12.83 -14.20
N GLU B 97 32.33 13.75 -14.30
CA GLU B 97 32.59 15.19 -14.10
C GLU B 97 33.10 15.55 -12.71
N ASN B 98 32.72 14.76 -11.71
CA ASN B 98 33.14 15.00 -10.32
C ASN B 98 34.25 14.04 -9.92
N HIS B 99 35.10 13.69 -10.88
CA HIS B 99 36.31 12.93 -10.61
C HIS B 99 36.04 11.59 -9.92
N ASN B 100 35.07 10.88 -10.52
CA ASN B 100 34.64 9.55 -10.12
CA ASN B 100 34.66 9.54 -10.11
C ASN B 100 34.02 9.49 -8.71
N HIS B 101 33.15 10.45 -8.43
CA HIS B 101 32.41 10.51 -7.15
C HIS B 101 30.97 11.00 -7.43
N ALA B 102 30.02 10.06 -7.46
CA ALA B 102 28.60 10.41 -7.70
C ALA B 102 28.01 11.23 -6.55
N ASN B 103 28.55 11.00 -5.36
CA ASN B 103 28.05 11.64 -4.11
C ASN B 103 26.57 11.31 -3.95
N GLU B 104 26.26 10.03 -3.94
CA GLU B 104 24.90 9.56 -3.96
C GLU B 104 24.35 9.36 -2.54
N ARG B 105 23.13 9.85 -2.32
CA ARG B 105 22.48 9.81 -1.02
C ARG B 105 21.09 9.18 -1.16
N MET B 106 20.51 8.82 -0.01
CA MET B 106 19.10 8.44 0.05
C MET B 106 18.41 9.54 0.84
N LEU B 107 17.37 10.14 0.26
CA LEU B 107 16.75 11.34 0.81
C LEU B 107 15.25 11.30 0.60
N PHE B 108 14.51 11.94 1.49
CA PHE B 108 13.06 11.93 1.40
C PHE B 108 12.52 12.96 0.42
N HIS B 109 11.36 12.65 -0.17
CA HIS B 109 10.61 13.62 -0.99
C HIS B 109 9.12 13.45 -0.78
N GLY B 110 8.48 14.55 -0.43
CA GLY B 110 7.06 14.59 -0.12
C GLY B 110 6.41 15.41 -1.23
N SER B 111 5.30 14.93 -1.79
CA SER B 111 4.66 15.68 -2.86
C SER B 111 3.25 15.17 -3.17
N PRO B 112 2.34 16.08 -3.51
CA PRO B 112 1.04 15.66 -4.11
C PRO B 112 1.16 14.91 -5.42
N PHE B 113 2.29 14.99 -6.12
CA PHE B 113 2.42 14.38 -7.43
C PHE B 113 3.15 13.04 -7.38
N VAL B 114 3.19 12.41 -6.21
CA VAL B 114 3.91 11.17 -6.01
C VAL B 114 3.49 10.09 -7.04
N ASN B 115 2.23 10.09 -7.46
CA ASN B 115 1.79 9.08 -8.45
C ASN B 115 2.42 9.33 -9.80
N ALA B 116 2.48 10.58 -10.22
CA ALA B 116 3.16 10.94 -11.44
C ALA B 116 4.65 10.58 -11.39
N ILE B 117 5.28 10.87 -10.25
CA ILE B 117 6.71 10.66 -10.11
C ILE B 117 7.11 9.19 -10.27
N ILE B 118 6.38 8.30 -9.64
CA ILE B 118 6.77 6.89 -9.70
C ILE B 118 6.53 6.26 -11.08
N HIS B 119 5.61 6.84 -11.84
CA HIS B 119 5.30 6.34 -13.19
C HIS B 119 6.13 6.96 -14.26
N LYS B 120 6.39 8.26 -14.16
CA LYS B 120 7.04 9.01 -15.19
C LYS B 120 8.39 9.62 -14.79
N GLY B 121 8.74 9.53 -13.49
CA GLY B 121 10.06 10.02 -13.03
C GLY B 121 9.97 11.48 -12.64
N PHE B 122 11.02 12.01 -12.01
CA PHE B 122 11.04 13.45 -11.74
C PHE B 122 11.33 14.22 -13.03
N ASP B 123 10.84 15.44 -13.10
CA ASP B 123 11.17 16.38 -14.18
C ASP B 123 10.72 17.81 -13.78
N GLU B 124 10.90 18.80 -14.65
CA GLU B 124 10.67 20.20 -14.24
C GLU B 124 9.23 20.61 -13.91
N ARG B 125 8.28 19.68 -13.95
CA ARG B 125 6.97 19.91 -13.31
C ARG B 125 7.06 19.71 -11.81
N HIS B 126 8.02 18.90 -11.37
CA HIS B 126 8.14 18.54 -9.93
C HIS B 126 9.02 19.54 -9.13
N ALA B 127 9.34 20.66 -9.80
CA ALA B 127 10.21 21.72 -9.33
C ALA B 127 9.47 22.79 -8.56
N TYR B 128 10.06 23.16 -7.43
CA TYR B 128 9.50 24.08 -6.48
C TYR B 128 10.03 25.43 -6.88
N ILE B 129 9.22 26.15 -7.65
CA ILE B 129 9.67 27.41 -8.26
C ILE B 129 10.04 28.41 -7.17
N GLY B 130 9.31 28.42 -6.06
CA GLY B 130 9.60 29.35 -4.98
C GLY B 130 10.49 28.81 -3.86
N GLY B 131 11.31 27.80 -4.16
CA GLY B 131 12.19 27.24 -3.13
C GLY B 131 13.30 28.27 -2.85
N MET B 132 13.79 28.25 -1.62
CA MET B 132 14.86 29.17 -1.23
C MET B 132 16.19 29.04 -2.00
N PHE B 133 16.46 27.90 -2.62
CA PHE B 133 17.70 27.73 -3.39
C PHE B 133 17.41 27.64 -4.86
N GLY B 134 16.33 28.27 -5.28
CA GLY B 134 15.99 28.36 -6.69
C GLY B 134 15.06 27.26 -7.11
N ALA B 135 14.62 27.37 -8.36
CA ALA B 135 13.65 26.44 -8.93
C ALA B 135 14.32 25.09 -9.25
N GLY B 136 14.32 24.19 -8.30
CA GLY B 136 14.77 22.83 -8.59
C GLY B 136 13.92 21.83 -7.84
N ILE B 137 14.41 20.61 -7.78
CA ILE B 137 13.69 19.55 -7.11
C ILE B 137 14.35 19.31 -5.74
N TYR B 138 13.55 19.41 -4.69
CA TYR B 138 14.01 19.45 -3.34
C TYR B 138 13.83 18.12 -2.62
N PHE B 139 14.81 17.75 -1.79
CA PHE B 139 14.81 16.56 -0.98
C PHE B 139 15.29 16.91 0.43
N ALA B 140 14.85 16.11 1.39
CA ALA B 140 15.18 16.31 2.79
C ALA B 140 15.81 15.12 3.46
N GLU B 141 16.73 15.39 4.38
CA GLU B 141 17.20 14.35 5.29
C GLU B 141 16.16 14.09 6.39
N ASN B 142 15.40 15.12 6.80
CA ASN B 142 14.38 14.93 7.84
C ASN B 142 13.09 14.44 7.18
N SER B 143 12.65 13.23 7.46
CA SER B 143 11.36 12.78 6.97
C SER B 143 10.20 13.76 7.26
N SER B 144 10.25 14.42 8.42
CA SER B 144 9.20 15.27 8.88
C SER B 144 9.18 16.57 8.05
N LYS B 145 10.30 16.88 7.41
CA LYS B 145 10.40 18.08 6.54
C LYS B 145 9.66 17.76 5.24
N SER B 146 9.95 16.61 4.63
CA SER B 146 9.19 16.16 3.47
C SER B 146 7.70 15.95 3.77
N ASN B 147 7.37 15.53 4.98
CA ASN B 147 5.95 15.37 5.36
C ASN B 147 5.13 16.68 5.23
N GLN B 148 5.76 17.81 5.49
CA GLN B 148 5.15 19.12 5.28
C GLN B 148 4.64 19.40 3.86
N TYR B 149 5.10 18.64 2.86
CA TYR B 149 4.78 18.88 1.45
C TYR B 149 3.89 17.82 0.81
N VAL B 150 3.45 16.86 1.61
CA VAL B 150 2.65 15.75 1.08
C VAL B 150 1.31 16.27 0.52
N TYR B 151 0.74 17.21 1.22
CA TYR B 151 -0.53 17.81 0.82
C TYR B 151 -0.35 19.14 0.07
N GLY B 152 0.89 19.46 -0.31
CA GLY B 152 1.19 20.63 -1.10
C GLY B 152 2.10 21.59 -0.34
N ILE B 153 2.43 22.73 -0.94
CA ILE B 153 3.28 23.76 -0.29
C ILE B 153 2.61 24.22 1.00
N GLY B 154 3.36 24.20 2.10
CA GLY B 154 2.80 24.63 3.37
C GLY B 154 1.74 23.69 3.92
N GLY B 155 1.72 22.46 3.43
CA GLY B 155 0.68 21.52 3.77
C GLY B 155 -0.65 21.68 3.04
N GLY B 156 -0.72 22.63 2.07
CA GLY B 156 -1.96 23.01 1.39
C GLY B 156 -3.08 23.19 2.34
N THR B 157 -4.23 22.55 2.07
CA THR B 157 -5.39 22.60 2.96
C THR B 157 -5.55 21.26 3.71
N GLY B 158 -4.49 20.46 3.72
CA GLY B 158 -4.44 19.23 4.50
C GLY B 158 -5.05 18.09 3.73
N CYS B 159 -5.47 17.06 4.42
CA CYS B 159 -6.00 15.90 3.74
C CYS B 159 -7.27 16.24 2.92
N PRO B 160 -7.48 15.53 1.82
CA PRO B 160 -8.70 15.75 1.00
C PRO B 160 -9.99 15.57 1.77
N VAL B 161 -10.04 14.55 2.62
CA VAL B 161 -11.29 14.13 3.30
C VAL B 161 -11.68 15.04 4.44
N HIS B 162 -10.71 15.49 5.23
CA HIS B 162 -11.02 16.21 6.45
C HIS B 162 -10.54 17.66 6.39
N LYS B 163 -9.78 18.04 5.36
CA LYS B 163 -9.16 19.37 5.32
C LYS B 163 -8.34 19.65 6.59
N ASP B 164 -7.57 18.65 7.03
CA ASP B 164 -6.79 18.73 8.26
C ASP B 164 -5.31 18.43 7.95
N ARG B 165 -4.42 19.41 8.15
CA ARG B 165 -3.01 19.22 7.87
C ARG B 165 -2.41 18.25 8.91
N SER B 166 -3.09 18.13 10.04
CA SER B 166 -2.67 17.21 11.10
C SER B 166 -3.54 15.97 11.19
N CYS B 167 -4.17 15.58 10.09
CA CYS B 167 -5.07 14.39 10.11
C CYS B 167 -4.32 13.14 10.54
N TYR B 168 -4.84 12.45 11.55
CA TYR B 168 -4.28 11.18 12.04
C TYR B 168 -4.97 9.92 11.44
N ILE B 169 -5.95 10.14 10.60
CA ILE B 169 -6.76 9.06 10.02
C ILE B 169 -6.26 8.72 8.63
N CYS B 170 -6.11 9.74 7.79
CA CYS B 170 -5.86 9.51 6.39
C CYS B 170 -4.43 9.07 6.10
N HIS B 171 -4.29 8.17 5.14
CA HIS B 171 -3.00 7.59 4.74
C HIS B 171 -2.22 8.57 3.87
N ARG B 172 -0.94 8.78 4.18
CA ARG B 172 -0.03 9.65 3.47
C ARG B 172 1.01 8.78 2.79
N GLN B 173 1.60 9.31 1.74
CA GLN B 173 2.73 8.67 1.10
C GLN B 173 3.92 9.58 0.96
N LEU B 174 5.14 9.06 1.17
CA LEU B 174 6.42 9.79 1.00
C LEU B 174 7.26 8.93 0.09
N LEU B 175 8.20 9.52 -0.59
CA LEU B 175 9.21 8.76 -1.32
C LEU B 175 10.53 8.82 -0.61
N PHE B 176 11.27 7.72 -0.67
CA PHE B 176 12.65 7.70 -0.18
C PHE B 176 13.45 7.37 -1.43
N CYS B 177 14.29 8.32 -1.83
CA CYS B 177 14.85 8.37 -3.19
C CYS B 177 16.36 8.27 -3.22
N ARG B 178 16.88 7.64 -4.25
CA ARG B 178 18.29 7.71 -4.55
C ARG B 178 18.59 9.00 -5.32
N VAL B 179 19.49 9.83 -4.81
CA VAL B 179 19.76 11.15 -5.34
C VAL B 179 21.25 11.36 -5.62
N THR B 180 21.59 11.75 -6.86
CA THR B 180 22.99 11.98 -7.23
C THR B 180 23.31 13.46 -6.98
N LEU B 181 24.16 13.74 -6.03
CA LEU B 181 24.50 15.16 -5.68
C LEU B 181 25.67 15.74 -6.45
N GLY B 182 26.56 14.88 -6.88
CA GLY B 182 27.83 15.30 -7.47
C GLY B 182 28.55 16.32 -6.59
N LYS B 183 29.10 17.31 -7.25
CA LYS B 183 29.72 18.44 -6.58
C LYS B 183 28.62 19.35 -6.10
N SER B 184 28.36 19.35 -4.80
CA SER B 184 27.25 20.09 -4.25
C SER B 184 27.73 21.44 -3.69
N PHE B 185 27.00 22.50 -4.03
CA PHE B 185 27.27 23.84 -3.53
C PHE B 185 26.68 23.98 -2.14
N LEU B 186 27.53 24.25 -1.17
CA LEU B 186 27.04 24.45 0.20
C LEU B 186 26.50 25.83 0.41
N GLN B 187 25.24 25.91 0.82
CA GLN B 187 24.57 27.15 1.10
C GLN B 187 24.06 27.05 2.52
N PHE B 188 24.55 27.91 3.40
CA PHE B 188 23.97 27.97 4.75
C PHE B 188 22.70 28.77 4.66
N SER B 189 21.71 28.40 5.48
CA SER B 189 20.40 29.03 5.43
C SER B 189 20.05 29.39 6.85
N ALA B 190 19.34 30.49 6.99
CA ALA B 190 19.03 31.06 8.27
C ALA B 190 17.97 30.28 9.07
N MET B 191 17.50 29.17 8.53
CA MET B 191 16.47 28.34 9.18
C MET B 191 17.03 27.56 10.40
N LYS B 192 16.31 27.30 11.37
N MET B 193 12.85 24.96 -14.82
CA MET B 193 13.86 24.84 -13.72
C MET B 193 15.09 25.74 -13.87
N ALA B 194 15.61 26.18 -12.71
CA ALA B 194 16.85 26.94 -12.63
C ALA B 194 18.01 26.01 -12.97
N HIS B 195 19.18 26.59 -13.20
CA HIS B 195 20.34 25.77 -13.48
C HIS B 195 21.15 25.65 -12.22
N SER B 196 21.97 24.62 -12.19
CA SER B 196 22.84 24.39 -11.05
C SER B 196 23.90 25.48 -11.03
N PRO B 197 24.49 25.74 -9.84
CA PRO B 197 25.60 26.69 -9.80
C PRO B 197 26.79 26.23 -10.66
N PRO B 198 27.43 27.17 -11.38
CA PRO B 198 28.56 26.84 -12.26
C PRO B 198 29.52 25.85 -11.62
N GLY B 199 29.75 24.74 -12.30
CA GLY B 199 30.69 23.73 -11.84
C GLY B 199 30.14 22.86 -10.71
N HIS B 200 28.85 23.01 -10.41
CA HIS B 200 28.18 22.21 -9.37
C HIS B 200 26.97 21.47 -9.96
N HIS B 201 26.62 20.34 -9.34
CA HIS B 201 25.55 19.42 -9.78
C HIS B 201 24.30 19.46 -8.86
N SER B 202 24.40 20.25 -7.79
CA SER B 202 23.35 20.35 -6.77
C SER B 202 23.68 21.41 -5.78
N VAL B 203 22.70 21.71 -4.92
CA VAL B 203 22.90 22.62 -3.80
C VAL B 203 22.51 21.92 -2.53
N THR B 204 23.36 22.08 -1.50
CA THR B 204 23.10 21.61 -0.15
C THR B 204 22.71 22.78 0.70
N GLY B 205 21.47 22.76 1.20
CA GLY B 205 20.96 23.80 2.06
C GLY B 205 21.08 23.36 3.48
N ARG B 206 21.94 24.01 4.25
CA ARG B 206 22.24 23.56 5.60
C ARG B 206 21.74 24.56 6.61
N PRO B 207 20.75 24.17 7.42
CA PRO B 207 20.25 25.09 8.45
C PRO B 207 21.33 25.53 9.42
N SER B 208 21.49 26.82 9.60
CA SER B 208 22.54 27.33 10.46
C SER B 208 22.06 27.86 11.83
N VAL B 209 20.76 27.96 12.04
CA VAL B 209 20.24 28.39 13.35
C VAL B 209 19.64 27.24 14.20
N ASN B 210 18.75 26.43 13.60
CA ASN B 210 18.22 25.27 14.32
C ASN B 210 19.19 24.10 14.24
N GLY B 211 19.85 23.84 15.36
CA GLY B 211 20.94 22.88 15.35
C GLY B 211 20.47 21.44 15.19
N LEU B 212 19.17 21.18 15.38
CA LEU B 212 18.62 19.84 15.16
C LEU B 212 18.04 19.62 13.76
N ALA B 213 18.02 20.66 12.93
CA ALA B 213 17.47 20.53 11.60
C ALA B 213 18.54 19.98 10.68
N LEU B 214 18.19 18.93 9.94
CA LEU B 214 19.11 18.34 8.96
C LEU B 214 19.09 19.08 7.61
N ALA B 215 19.93 18.65 6.68
CA ALA B 215 20.07 19.41 5.41
C ALA B 215 18.91 19.14 4.44
N GLU B 216 18.72 20.10 3.54
CA GLU B 216 17.85 19.95 2.38
C GLU B 216 18.78 20.02 1.16
N TYR B 217 18.38 19.39 0.08
CA TYR B 217 19.21 19.32 -1.10
C TYR B 217 18.35 19.63 -2.32
N VAL B 218 18.98 20.22 -3.35
CA VAL B 218 18.30 20.65 -4.54
C VAL B 218 19.08 20.16 -5.73
N ILE B 219 18.36 19.51 -6.65
CA ILE B 219 18.88 19.12 -7.96
C ILE B 219 18.11 19.85 -9.06
N TYR B 220 18.74 19.98 -10.22
CA TYR B 220 18.20 20.79 -11.29
C TYR B 220 17.95 19.96 -12.54
N ARG B 221 18.09 18.65 -12.42
CA ARG B 221 17.86 17.70 -13.49
C ARG B 221 17.03 16.56 -12.88
N GLY B 222 15.87 16.26 -13.42
CA GLY B 222 15.05 15.11 -12.95
C GLY B 222 15.74 13.77 -12.99
N GLU B 223 16.68 13.61 -13.92
CA GLU B 223 17.41 12.38 -14.05
C GLU B 223 18.39 12.08 -12.91
N GLN B 224 18.68 13.05 -12.04
CA GLN B 224 19.56 12.84 -10.89
C GLN B 224 18.87 12.31 -9.64
N ALA B 225 17.62 11.87 -9.73
CA ALA B 225 16.96 11.18 -8.63
C ALA B 225 16.14 10.00 -9.12
N TYR B 226 16.09 8.96 -8.32
CA TYR B 226 15.27 7.78 -8.63
C TYR B 226 14.41 7.50 -7.39
N PRO B 227 13.09 7.39 -7.57
CA PRO B 227 12.15 7.17 -6.47
C PRO B 227 12.13 5.72 -6.03
N GLU B 228 13.08 5.34 -5.19
CA GLU B 228 13.29 3.92 -4.94
C GLU B 228 12.25 3.21 -4.07
N TYR B 229 11.79 3.91 -3.03
CA TYR B 229 10.82 3.37 -2.10
C TYR B 229 9.62 4.31 -1.96
N LEU B 230 8.45 3.69 -2.02
CA LEU B 230 7.19 4.36 -1.72
C LEU B 230 6.67 3.92 -0.35
N ILE B 231 6.52 4.88 0.55
CA ILE B 231 6.21 4.60 1.95
C ILE B 231 4.80 5.14 2.23
N THR B 232 3.92 4.26 2.72
CA THR B 232 2.54 4.63 3.10
C THR B 232 2.44 4.61 4.61
N TYR B 233 1.94 5.72 5.20
CA TYR B 233 1.97 5.95 6.63
C TYR B 233 0.87 6.88 7.17
N GLN B 234 0.70 6.84 8.49
CA GLN B 234 -0.05 7.86 9.20
C GLN B 234 0.86 8.56 10.17
N ILE B 235 0.62 9.84 10.43
CA ILE B 235 1.29 10.47 11.55
C ILE B 235 0.52 10.03 12.81
N MET B 236 1.19 9.88 13.95
CA MET B 236 0.54 9.42 15.17
C MET B 236 0.36 10.60 16.18
N ARG B 237 -0.83 10.67 16.77
CA ARG B 237 -1.14 11.70 17.77
C ARG B 237 -0.32 11.45 19.03
N PRO B 238 0.44 12.45 19.53
CA PRO B 238 1.24 12.16 20.72
C PRO B 238 0.33 11.84 21.92
N GLU B 239 0.78 10.99 22.82
CA GLU B 239 -0.07 10.61 23.98
C GLU B 239 0.02 11.64 25.09
ZN ZN C . 3.11 -25.35 -8.72
S SO4 D . -2.69 -3.72 -5.90
O1 SO4 D . -3.83 -3.07 -5.25
O2 SO4 D . -2.69 -5.16 -5.55
O3 SO4 D . -1.49 -3.09 -5.31
O4 SO4 D . -2.74 -3.44 -7.30
S SO4 E . -5.94 -14.60 -22.14
O1 SO4 E . -7.28 -14.16 -22.52
O2 SO4 E . -5.08 -14.94 -23.31
O3 SO4 E . -6.03 -15.77 -21.23
O4 SO4 E . -5.27 -13.47 -21.46
CAC WLH F . -4.02 -11.97 5.02
CAB WLH F . -2.94 -12.92 5.25
NAR WLH F . -3.43 -14.16 5.85
CAA WLH F . -2.28 -15.07 6.08
CAF WLH F . -4.33 -14.91 4.96
CAE WLH F . -5.42 -14.02 4.46
NAD WLH F . -5.00 -12.63 4.10
CAG WLH F . -5.71 -11.92 3.17
NAH WLH F . -5.57 -10.59 3.09
CAI WLH F . -6.23 -9.82 2.19
CAQ WLH F . -5.90 -8.46 2.25
CAP WLH F . -6.30 -7.76 0.97
CAO WLH F . -7.78 -8.07 0.67
CAN WLH F . -7.96 -9.60 0.38
CAJ WLH F . -7.19 -10.37 1.34
CAK WLH F . -7.36 -11.79 1.42
OAL WLH F . -8.13 -12.43 0.71
NAM WLH F . -6.63 -12.54 2.32
C1 GOL G . -9.53 6.98 -9.25
O1 GOL G . -8.24 7.18 -9.85
C2 GOL G . -9.43 7.26 -7.73
O2 GOL G . -9.25 6.12 -6.87
C3 GOL G . -10.68 8.05 -7.40
O3 GOL G . -10.44 9.37 -7.94
ZN ZN H . -8.09 13.09 6.84
S SO4 I . 11.19 24.31 9.91
O1 SO4 I . 10.44 23.31 9.13
O2 SO4 I . 12.56 24.31 9.37
O3 SO4 I . 11.26 23.99 11.34
O4 SO4 I . 10.68 25.64 9.77
S SO4 J . 4.34 9.72 21.44
O1 SO4 J . 3.25 9.45 22.41
O2 SO4 J . 5.54 8.91 21.70
O3 SO4 J . 4.68 11.14 21.56
O4 SO4 J . 3.83 9.41 20.07
C1 GOL K . 6.07 17.99 14.22
O1 GOL K . 7.02 17.00 13.82
C2 GOL K . 5.93 18.34 15.71
O2 GOL K . 4.72 17.81 16.23
C3 GOL K . 5.80 19.86 15.94
O3 GOL K . 6.66 20.55 15.06
CAC WLH L . 7.48 18.97 -3.52
CAB WLH L . 6.13 19.20 -3.86
NAR WLH L . 5.99 20.51 -4.53
CAA WLH L . 4.53 20.81 -4.63
CAF WLH L . 6.39 21.55 -3.55
CAE WLH L . 7.84 21.35 -3.21
NAD WLH L . 8.03 20.03 -2.64
CAG WLH L . 8.91 19.71 -1.68
NAH WLH L . 9.73 20.65 -1.17
CAI WLH L . 10.65 20.38 -0.19
CAQ WLH L . 11.39 21.50 0.26
CAP WLH L . 12.01 21.21 1.59
CAO WLH L . 12.81 19.93 1.38
CAN WLH L . 11.84 18.79 1.28
CAJ WLH L . 10.83 19.09 0.26
CAK WLH L . 10.00 18.07 -0.27
OAL WLH L . 10.04 16.86 0.06
NAM WLH L . 9.06 18.37 -1.26
#